data_4JDC
#
_entry.id   4JDC
#
_cell.length_a   163.133
_cell.length_b   163.133
_cell.length_c   96.181
_cell.angle_alpha   90.00
_cell.angle_beta   90.00
_cell.angle_gamma   120.00
#
_symmetry.space_group_name_H-M   'P 6 2 2'
#
loop_
_entity.id
_entity.type
_entity.pdbx_description
1 polymer '1-pyrroline-5-carboxylate dehydrogenase'
2 non-polymer NICOTINAMIDE-ADENINE-DINUCLEOTIDE
3 water water
#
_entity_poly.entity_id   1
_entity_poly.type   'polypeptide(L)'
_entity_poly.pdbx_seq_one_letter_code
;MGSSHHHHHHSSGLVPRGSHMDAITQVPVPANEPVHDYAPKSPERTRLRTELASLADHPIDLPHVIGGRHRMGDGERIDV
VQPHRHAARLGTLTNATHADAAAAVEAAMSAKSDWAALPFDERAAVFLRAADLLAGPWREKIAAATMLGQSKSVYQAEID
AVCELIDFWRFNVAFARQILEQQPISGPGEWNRIDYRPLDGFVYAITPFNFTSIAGNLPTAPALMGNTVIWKPSITQTLA
AYLTMQLLEAAGLPPGVINLVTGDGFAVSDVALADPRLAGIHFTGSTATFGHLWQWVGTNIGRYHSYPRLVGETGGKDFV
VAHASARPDVLRTALIRGAFDYQGQK(CME)SAVSRAFIAHSVWQRMGDELLAKAAELRYGDITDLSNYGGALIDQRAFV
KNVDAIERAKGAAAVTVAVGGEYDDSEGYFVRPTVLLSDDPTDESFVIEYFGPLLSVHVYPDERYEQILDVIDTGSRYAL
TGAVIADDRQAVLTALDRLRFAAGNFYVNDKPTGAVVGRQPFGGARGSDTNDKAGSPLNLLRWTSARSIKETFVAATDHI
YPHMAVD
;
_entity_poly.pdbx_strand_id   A
#
loop_
_chem_comp.id
_chem_comp.type
_chem_comp.name
_chem_comp.formula
NAD non-polymer NICOTINAMIDE-ADENINE-DINUCLEOTIDE 'C21 H27 N7 O14 P2'
#
# COMPACT_ATOMS: atom_id res chain seq x y z
N MET A 21 -33.92 -1.98 -15.16
CA MET A 21 -33.24 -0.92 -15.93
C MET A 21 -32.82 -1.20 -17.35
N ASP A 22 -33.19 -0.31 -18.25
CA ASP A 22 -32.78 -0.39 -19.61
C ASP A 22 -31.87 0.81 -19.87
N ALA A 23 -30.56 0.57 -19.83
CA ALA A 23 -29.58 1.62 -19.86
C ALA A 23 -28.20 1.06 -20.04
N ILE A 24 -27.30 1.87 -20.56
CA ILE A 24 -25.83 1.56 -20.54
C ILE A 24 -25.29 2.80 -19.79
N THR A 25 -25.08 2.57 -18.50
CA THR A 25 -24.74 3.70 -17.65
C THR A 25 -23.25 3.98 -17.59
N GLN A 26 -22.92 5.19 -17.19
CA GLN A 26 -21.51 5.58 -17.09
C GLN A 26 -21.30 5.96 -15.58
N VAL A 27 -20.13 5.66 -15.04
CA VAL A 27 -19.86 6.05 -13.63
C VAL A 27 -19.38 7.47 -13.62
N PRO A 28 -19.47 8.13 -12.46
CA PRO A 28 -18.84 9.44 -12.37
C PRO A 28 -17.38 9.38 -12.72
N VAL A 29 -16.90 10.48 -13.32
CA VAL A 29 -15.49 10.55 -13.75
C VAL A 29 -14.57 10.87 -12.50
N PRO A 30 -13.54 10.07 -12.24
CA PRO A 30 -12.71 10.26 -11.06
C PRO A 30 -11.71 11.41 -11.31
N ALA A 31 -11.39 12.14 -10.26
CA ALA A 31 -10.18 13.01 -10.34
C ALA A 31 -9.53 12.81 -8.99
N ASN A 32 -8.23 13.13 -8.91
CA ASN A 32 -7.57 12.92 -7.58
C ASN A 32 -8.12 13.89 -6.53
N GLU A 33 -8.27 13.37 -5.30
CA GLU A 33 -8.83 14.20 -4.24
C GLU A 33 -7.71 15.23 -3.82
N PRO A 34 -8.08 16.50 -3.71
CA PRO A 34 -7.13 17.52 -3.26
C PRO A 34 -6.65 17.27 -1.84
N VAL A 35 -5.39 17.52 -1.58
CA VAL A 35 -4.78 17.29 -0.29
C VAL A 35 -4.93 18.56 0.56
N HIS A 36 -5.54 18.47 1.72
CA HIS A 36 -5.63 19.63 2.59
C HIS A 36 -4.32 19.84 3.32
N ASP A 37 -4.00 21.08 3.61
CA ASP A 37 -2.72 21.43 4.18
C ASP A 37 -2.72 21.50 5.71
N TYR A 38 -3.88 21.72 6.28
CA TYR A 38 -4.02 21.82 7.75
C TYR A 38 -3.07 22.94 8.25
N ALA A 39 -2.95 23.98 7.45
CA ALA A 39 -2.13 25.18 7.80
C ALA A 39 -2.82 25.83 9.03
N PRO A 40 -2.04 26.62 9.78
CA PRO A 40 -2.74 27.33 10.87
C PRO A 40 -3.84 28.25 10.24
N LYS A 41 -4.92 28.34 10.98
CA LYS A 41 -6.15 29.11 10.63
C LYS A 41 -7.16 28.35 9.75
N SER A 42 -6.74 27.17 9.23
CA SER A 42 -7.62 26.48 8.28
C SER A 42 -8.69 25.75 9.14
N PRO A 43 -9.95 25.60 8.62
CA PRO A 43 -10.94 24.89 9.38
C PRO A 43 -10.66 23.37 9.62
N GLU A 44 -9.95 22.72 8.67
CA GLU A 44 -9.68 21.30 8.83
C GLU A 44 -8.73 21.06 9.96
N ARG A 45 -7.86 22.03 10.20
CA ARG A 45 -7.02 21.90 11.42
C ARG A 45 -7.83 21.88 12.71
N THR A 46 -8.76 22.83 12.83
CA THR A 46 -9.70 22.70 13.99
C THR A 46 -10.45 21.43 14.13
N ARG A 47 -10.98 20.89 13.00
CA ARG A 47 -11.69 19.66 13.07
C ARG A 47 -10.77 18.48 13.46
N LEU A 48 -9.57 18.51 12.96
CA LEU A 48 -8.60 17.44 13.26
C LEU A 48 -8.28 17.43 14.79
N ARG A 49 -8.06 18.62 15.31
CA ARG A 49 -7.80 18.66 16.82
C ARG A 49 -8.92 18.03 17.57
N THR A 50 -10.17 18.35 17.19
CA THR A 50 -11.25 17.70 17.84
C THR A 50 -11.31 16.20 17.76
N GLU A 51 -11.10 15.64 16.53
CA GLU A 51 -11.01 14.19 16.45
C GLU A 51 -9.81 13.52 17.14
N LEU A 52 -8.63 14.18 17.18
CA LEU A 52 -7.45 13.66 17.85
C LEU A 52 -7.80 13.46 19.34
N ALA A 53 -8.39 14.54 19.88
CA ALA A 53 -8.83 14.43 21.33
C ALA A 53 -9.85 13.32 21.58
N SER A 54 -10.88 13.25 20.74
CA SER A 54 -11.92 12.28 20.87
C SER A 54 -11.35 10.84 20.86
N LEU A 55 -10.47 10.50 19.88
CA LEU A 55 -9.99 9.17 19.88
C LEU A 55 -8.99 8.91 20.99
N ALA A 56 -8.12 9.89 21.31
CA ALA A 56 -7.05 9.62 22.31
C ALA A 56 -7.65 9.53 23.75
N ASP A 57 -8.77 10.23 23.96
CA ASP A 57 -9.46 10.29 25.31
C ASP A 57 -10.41 9.12 25.57
N HIS A 58 -10.93 8.48 24.50
CA HIS A 58 -11.91 7.41 24.63
C HIS A 58 -11.45 6.17 23.95
N PRO A 59 -10.51 5.48 24.55
CA PRO A 59 -10.05 4.23 23.95
C PRO A 59 -11.15 3.21 23.89
N ILE A 60 -11.19 2.36 22.85
CA ILE A 60 -12.30 1.44 22.66
C ILE A 60 -11.91 -0.01 22.45
N ASP A 61 -12.83 -0.90 22.68
CA ASP A 61 -12.63 -2.27 22.18
C ASP A 61 -12.63 -2.25 20.65
N LEU A 62 -11.66 -3.01 20.10
CA LEU A 62 -11.52 -3.10 18.65
C LEU A 62 -11.88 -4.53 18.28
N PRO A 63 -13.14 -4.77 17.88
CA PRO A 63 -13.66 -6.10 17.67
C PRO A 63 -13.47 -6.68 16.29
N HIS A 64 -13.67 -7.97 16.17
CA HIS A 64 -13.87 -8.57 14.84
C HIS A 64 -15.16 -8.11 14.30
N VAL A 65 -15.27 -8.00 12.95
CA VAL A 65 -16.55 -7.67 12.34
C VAL A 65 -16.86 -8.76 11.38
N ILE A 66 -17.79 -9.68 11.78
CA ILE A 66 -18.03 -10.88 11.03
C ILE A 66 -19.48 -10.97 10.73
N GLY A 67 -19.86 -11.04 9.48
CA GLY A 67 -21.26 -11.10 9.13
C GLY A 67 -22.03 -9.89 9.62
N GLY A 68 -21.36 -8.75 9.67
CA GLY A 68 -21.95 -7.56 10.19
C GLY A 68 -22.02 -7.45 11.71
N ARG A 69 -21.68 -8.50 12.43
CA ARG A 69 -21.71 -8.43 13.90
C ARG A 69 -20.36 -8.03 14.46
N HIS A 70 -20.32 -6.99 15.27
CA HIS A 70 -19.10 -6.55 15.90
C HIS A 70 -18.93 -7.29 17.22
N ARG A 71 -17.88 -8.08 17.34
CA ARG A 71 -17.71 -8.86 18.55
C ARG A 71 -16.26 -9.09 18.91
N MET A 72 -15.96 -9.01 20.20
CA MET A 72 -14.66 -9.45 20.75
C MET A 72 -14.65 -10.96 20.73
N GLY A 73 -13.49 -11.60 20.59
CA GLY A 73 -13.41 -13.07 20.50
C GLY A 73 -12.75 -13.49 21.87
N ASP A 74 -12.51 -14.77 21.92
CA ASP A 74 -11.84 -15.37 23.09
C ASP A 74 -10.31 -15.49 23.08
N GLY A 75 -9.65 -14.91 22.08
CA GLY A 75 -8.20 -14.87 22.11
C GLY A 75 -7.58 -13.83 22.99
N GLU A 76 -6.23 -13.85 23.00
CA GLU A 76 -5.53 -12.92 23.82
C GLU A 76 -5.86 -11.48 23.58
N ARG A 77 -6.03 -10.66 24.62
CA ARG A 77 -6.22 -9.23 24.48
C ARG A 77 -4.90 -8.57 24.16
N ILE A 78 -4.90 -7.71 23.12
CA ILE A 78 -3.62 -7.02 22.78
C ILE A 78 -3.96 -5.53 22.71
N ASP A 79 -3.21 -4.66 23.39
CA ASP A 79 -3.44 -3.26 23.36
C ASP A 79 -2.83 -2.62 22.09
N VAL A 80 -3.59 -1.71 21.53
CA VAL A 80 -3.11 -0.81 20.43
C VAL A 80 -2.82 0.50 21.06
N VAL A 81 -1.58 1.00 20.93
CA VAL A 81 -1.17 2.20 21.57
C VAL A 81 -0.62 3.25 20.62
N GLN A 82 -0.40 4.46 21.09
CA GLN A 82 0.22 5.51 20.32
C GLN A 82 1.73 5.23 20.25
N PRO A 83 2.28 5.02 19.05
CA PRO A 83 3.71 4.60 19.09
C PRO A 83 4.60 5.67 19.66
N HIS A 84 4.25 6.91 19.51
CA HIS A 84 5.02 8.09 19.98
C HIS A 84 4.73 8.34 21.49
N ARG A 85 3.90 7.54 22.08
CA ARG A 85 3.54 7.71 23.47
C ARG A 85 2.89 6.43 23.90
N HIS A 86 3.70 5.41 24.05
CA HIS A 86 3.21 4.05 24.12
C HIS A 86 2.50 3.59 25.40
N ALA A 87 2.43 4.45 26.39
CA ALA A 87 1.65 4.15 27.57
C ALA A 87 0.21 4.54 27.37
N ALA A 88 -0.07 5.27 26.28
CA ALA A 88 -1.37 5.75 25.97
C ALA A 88 -2.09 4.81 25.04
N ARG A 89 -3.03 4.07 25.59
CA ARG A 89 -3.78 3.08 24.89
C ARG A 89 -4.86 3.76 23.98
N LEU A 90 -5.02 3.22 22.77
CA LEU A 90 -6.12 3.69 21.86
C LEU A 90 -7.23 2.70 21.79
N GLY A 91 -6.92 1.49 22.04
CA GLY A 91 -7.94 0.46 22.08
C GLY A 91 -7.35 -0.87 22.39
N THR A 92 -8.17 -1.86 22.47
CA THR A 92 -7.76 -3.22 22.70
C THR A 92 -8.47 -4.22 21.79
N LEU A 93 -7.69 -5.05 21.08
CA LEU A 93 -8.30 -6.06 20.29
C LEU A 93 -8.13 -7.45 20.85
N THR A 94 -8.80 -8.42 20.26
CA THR A 94 -8.57 -9.81 20.58
C THR A 94 -7.92 -10.56 19.45
N ASN A 95 -6.92 -11.37 19.79
CA ASN A 95 -6.27 -12.17 18.76
C ASN A 95 -7.18 -13.17 18.24
N ALA A 96 -7.48 -13.11 16.93
CA ALA A 96 -8.39 -14.07 16.34
C ALA A 96 -8.04 -15.49 16.62
N THR A 97 -9.08 -16.22 17.06
CA THR A 97 -8.91 -17.69 17.27
C THR A 97 -9.29 -18.44 15.97
N HIS A 98 -9.05 -19.74 15.90
CA HIS A 98 -9.56 -20.55 14.84
C HIS A 98 -11.04 -20.47 14.66
N ALA A 99 -11.76 -20.41 15.77
CA ALA A 99 -13.25 -20.28 15.63
C ALA A 99 -13.67 -18.96 14.97
N ASP A 100 -12.99 -17.86 15.36
CA ASP A 100 -13.32 -16.51 14.82
C ASP A 100 -13.02 -16.59 13.32
N ALA A 101 -11.88 -17.16 12.94
CA ALA A 101 -11.52 -17.24 11.48
C ALA A 101 -12.48 -18.09 10.73
N ALA A 102 -12.90 -19.21 11.32
CA ALA A 102 -13.91 -20.00 10.62
C ALA A 102 -15.23 -19.28 10.47
N ALA A 103 -15.63 -18.49 11.49
CA ALA A 103 -16.89 -17.74 11.34
C ALA A 103 -16.79 -16.69 10.20
N ALA A 104 -15.59 -16.16 10.06
CA ALA A 104 -15.40 -15.07 9.02
C ALA A 104 -15.50 -15.71 7.66
N VAL A 105 -14.90 -16.87 7.47
CA VAL A 105 -14.94 -17.56 6.19
C VAL A 105 -16.41 -17.93 5.88
N GLU A 106 -17.12 -18.51 6.90
CA GLU A 106 -18.53 -18.81 6.61
C GLU A 106 -19.40 -17.58 6.30
N ALA A 107 -19.16 -16.46 6.96
CA ALA A 107 -19.97 -15.25 6.72
C ALA A 107 -19.70 -14.76 5.26
N ALA A 108 -18.43 -14.79 4.88
CA ALA A 108 -18.02 -14.34 3.51
C ALA A 108 -18.73 -15.28 2.53
N MET A 109 -18.77 -16.60 2.77
CA MET A 109 -19.44 -17.43 1.81
C MET A 109 -20.99 -17.24 1.84
N SER A 110 -21.54 -16.93 2.99
CA SER A 110 -23.01 -16.79 3.09
C SER A 110 -23.48 -15.47 2.40
N ALA A 111 -22.60 -14.44 2.44
CA ALA A 111 -22.92 -13.12 1.78
C ALA A 111 -22.72 -13.14 0.28
N LYS A 112 -22.04 -14.14 -0.25
CA LYS A 112 -21.58 -14.08 -1.67
C LYS A 112 -22.75 -13.99 -2.63
N SER A 113 -23.78 -14.84 -2.44
CA SER A 113 -24.80 -14.88 -3.51
C SER A 113 -25.56 -13.54 -3.63
N ASP A 114 -25.93 -12.88 -2.52
CA ASP A 114 -26.66 -11.63 -2.66
C ASP A 114 -25.73 -10.50 -3.16
N TRP A 115 -24.45 -10.60 -2.85
CA TRP A 115 -23.55 -9.51 -3.29
C TRP A 115 -23.20 -9.61 -4.75
N ALA A 116 -22.90 -10.83 -5.21
CA ALA A 116 -22.58 -11.05 -6.66
C ALA A 116 -23.82 -10.81 -7.51
N ALA A 117 -24.99 -10.98 -6.90
CA ALA A 117 -26.22 -10.76 -7.68
C ALA A 117 -26.59 -9.28 -7.79
N LEU A 118 -26.01 -8.40 -6.95
CA LEU A 118 -26.27 -6.98 -7.15
C LEU A 118 -25.68 -6.54 -8.44
N PRO A 119 -26.38 -5.65 -9.18
CA PRO A 119 -25.79 -5.13 -10.37
C PRO A 119 -24.46 -4.36 -10.06
N PHE A 120 -23.53 -4.34 -11.02
CA PHE A 120 -22.30 -3.56 -10.85
C PHE A 120 -22.60 -2.13 -10.29
N ASP A 121 -23.61 -1.43 -10.85
CA ASP A 121 -23.69 -0.07 -10.36
C ASP A 121 -24.06 0.01 -8.90
N GLU A 122 -24.80 -0.96 -8.41
CA GLU A 122 -25.13 -0.92 -6.95
C GLU A 122 -23.92 -1.26 -6.08
N ARG A 123 -23.05 -2.17 -6.51
CA ARG A 123 -21.81 -2.45 -5.84
C ARG A 123 -20.92 -1.18 -5.90
N ALA A 124 -20.81 -0.54 -7.06
CA ALA A 124 -19.94 0.62 -7.24
C ALA A 124 -20.42 1.77 -6.33
N ALA A 125 -21.75 1.89 -6.21
CA ALA A 125 -22.28 3.04 -5.42
C ALA A 125 -21.83 2.91 -3.99
N VAL A 126 -21.62 1.69 -3.46
CA VAL A 126 -21.15 1.62 -2.06
C VAL A 126 -19.78 2.29 -1.94
N PHE A 127 -18.92 2.01 -2.91
CA PHE A 127 -17.55 2.56 -2.77
C PHE A 127 -17.49 4.04 -3.17
N LEU A 128 -18.33 4.48 -4.09
CA LEU A 128 -18.34 5.92 -4.40
C LEU A 128 -18.90 6.61 -3.13
N ARG A 129 -19.92 6.02 -2.50
CA ARG A 129 -20.47 6.69 -1.30
C ARG A 129 -19.43 6.73 -0.19
N ALA A 130 -18.72 5.59 -0.04
CA ALA A 130 -17.66 5.54 0.99
C ALA A 130 -16.61 6.63 0.67
N ALA A 131 -16.27 6.82 -0.60
CA ALA A 131 -15.31 7.86 -0.95
C ALA A 131 -15.76 9.30 -0.54
N ASP A 132 -17.05 9.59 -0.85
CA ASP A 132 -17.54 10.90 -0.54
C ASP A 132 -17.74 11.02 0.99
N LEU A 133 -18.08 9.96 1.72
CA LEU A 133 -18.09 10.04 3.22
C LEU A 133 -16.68 10.35 3.75
N LEU A 134 -15.66 9.71 3.19
CA LEU A 134 -14.29 9.94 3.65
C LEU A 134 -13.82 11.33 3.25
N ALA A 135 -14.19 11.85 2.07
CA ALA A 135 -13.80 13.17 1.65
C ALA A 135 -14.40 14.24 2.53
N GLY A 136 -15.54 13.91 3.11
CA GLY A 136 -16.35 14.99 3.82
C GLY A 136 -16.42 14.61 5.30
N PRO A 137 -17.53 13.99 5.80
CA PRO A 137 -17.77 13.94 7.31
C PRO A 137 -16.85 13.01 8.08
N TRP A 138 -16.21 12.04 7.42
CA TRP A 138 -15.31 11.12 8.15
C TRP A 138 -13.85 11.53 7.96
N ARG A 139 -13.56 12.57 7.19
CA ARG A 139 -12.20 12.89 6.78
C ARG A 139 -11.18 13.01 7.93
N GLU A 140 -11.53 13.87 8.90
CA GLU A 140 -10.54 14.05 9.97
C GLU A 140 -10.54 12.92 10.95
N LYS A 141 -11.70 12.24 11.10
CA LYS A 141 -11.74 11.09 11.93
C LYS A 141 -10.73 9.97 11.50
N ILE A 142 -10.78 9.66 10.21
CA ILE A 142 -9.91 8.62 9.68
C ILE A 142 -8.44 9.10 9.64
N ALA A 143 -8.26 10.37 9.31
CA ALA A 143 -6.86 10.98 9.33
C ALA A 143 -6.33 10.91 10.78
N ALA A 144 -7.17 11.31 11.76
CA ALA A 144 -6.70 11.20 13.16
C ALA A 144 -6.45 9.83 13.67
N ALA A 145 -7.27 8.82 13.33
CA ALA A 145 -7.04 7.44 13.78
C ALA A 145 -5.69 7.00 13.19
N THR A 146 -5.42 7.41 11.92
CA THR A 146 -4.11 6.98 11.32
C THR A 146 -2.94 7.70 12.00
N MET A 147 -3.08 8.98 12.25
CA MET A 147 -1.97 9.74 12.96
C MET A 147 -1.70 9.02 14.30
N LEU A 148 -2.75 8.76 15.06
CA LEU A 148 -2.59 8.23 16.40
C LEU A 148 -2.01 6.85 16.49
N GLY A 149 -2.57 5.93 15.75
CA GLY A 149 -2.16 4.56 15.83
C GLY A 149 -0.89 4.25 15.06
N GLN A 150 -0.66 4.96 13.99
CA GLN A 150 0.48 4.64 13.13
C GLN A 150 1.62 5.65 13.24
N SER A 151 1.41 6.66 14.08
CA SER A 151 2.40 7.69 14.26
C SER A 151 2.77 8.46 13.00
N LYS A 152 1.76 8.93 12.31
CA LYS A 152 1.89 9.74 11.13
C LYS A 152 1.61 11.19 11.42
N SER A 153 2.39 12.09 10.84
CA SER A 153 2.07 13.47 10.89
C SER A 153 0.78 13.70 10.14
N VAL A 154 0.14 14.84 10.34
CA VAL A 154 -1.08 15.09 9.64
C VAL A 154 -0.94 15.04 8.11
N TYR A 155 0.16 15.52 7.59
CA TYR A 155 0.40 15.43 6.16
C TYR A 155 0.48 13.96 5.72
N GLN A 156 1.22 13.15 6.46
CA GLN A 156 1.37 11.78 6.06
C GLN A 156 0.04 11.08 6.15
N ALA A 157 -0.73 11.41 7.17
CA ALA A 157 -2.06 10.84 7.23
C ALA A 157 -3.00 11.31 6.10
N GLU A 158 -2.94 12.55 5.73
CA GLU A 158 -3.85 13.15 4.74
C GLU A 158 -3.53 12.48 3.37
N ILE A 159 -2.26 12.37 3.02
CA ILE A 159 -2.02 11.78 1.68
C ILE A 159 -2.36 10.30 1.60
N ASP A 160 -2.36 9.59 2.73
CA ASP A 160 -2.54 8.19 2.75
C ASP A 160 -4.02 7.86 3.07
N ALA A 161 -4.43 8.05 4.31
CA ALA A 161 -5.70 7.55 4.83
C ALA A 161 -6.89 8.27 4.20
N VAL A 162 -6.65 9.45 3.71
CA VAL A 162 -7.74 10.26 3.18
C VAL A 162 -7.55 10.21 1.63
N CYS A 163 -6.56 10.84 1.09
CA CYS A 163 -6.55 11.03 -0.34
C CYS A 163 -6.31 9.78 -1.16
N GLU A 164 -5.36 8.99 -0.74
CA GLU A 164 -5.06 7.77 -1.47
C GLU A 164 -6.22 6.77 -1.40
N LEU A 165 -6.87 6.70 -0.27
CA LEU A 165 -7.96 5.75 -0.10
C LEU A 165 -9.17 6.22 -0.93
N ILE A 166 -9.49 7.49 -0.85
CA ILE A 166 -10.53 8.05 -1.68
C ILE A 166 -10.23 7.77 -3.16
N ASP A 167 -9.00 8.02 -3.57
CA ASP A 167 -8.69 7.81 -4.99
C ASP A 167 -8.73 6.34 -5.30
N PHE A 168 -8.27 5.43 -4.44
CA PHE A 168 -8.46 4.02 -4.80
C PHE A 168 -9.93 3.71 -5.10
N TRP A 169 -10.82 4.19 -4.27
CA TRP A 169 -12.19 3.86 -4.47
C TRP A 169 -12.78 4.47 -5.76
N ARG A 170 -12.58 5.76 -5.99
CA ARG A 170 -13.14 6.40 -7.14
C ARG A 170 -12.51 5.88 -8.41
N PHE A 171 -11.19 5.76 -8.42
CA PHE A 171 -10.53 5.23 -9.58
C PHE A 171 -10.83 3.75 -9.78
N ASN A 172 -10.89 2.96 -8.72
CA ASN A 172 -11.15 1.51 -9.07
C ASN A 172 -12.58 1.38 -9.67
N VAL A 173 -13.57 2.15 -9.17
CA VAL A 173 -14.90 2.14 -9.82
C VAL A 173 -14.80 2.48 -11.28
N ALA A 174 -14.00 3.51 -11.62
CA ALA A 174 -13.84 3.90 -13.05
C ALA A 174 -13.08 2.79 -13.81
N PHE A 175 -12.04 2.20 -13.19
CA PHE A 175 -11.27 1.11 -13.91
C PHE A 175 -12.15 -0.09 -14.09
N ALA A 176 -12.98 -0.44 -13.08
CA ALA A 176 -13.85 -1.60 -13.24
C ALA A 176 -14.78 -1.32 -14.42
N ARG A 177 -15.41 -0.17 -14.43
CA ARG A 177 -16.36 0.17 -15.51
C ARG A 177 -15.67 0.18 -16.88
N GLN A 178 -14.41 0.58 -16.91
CA GLN A 178 -13.67 0.45 -18.19
C GLN A 178 -13.47 -0.99 -18.57
N ILE A 179 -13.11 -1.84 -17.59
CA ILE A 179 -12.95 -3.30 -17.90
C ILE A 179 -14.26 -3.85 -18.49
N LEU A 180 -15.43 -3.57 -17.88
CA LEU A 180 -16.66 -4.19 -18.34
C LEU A 180 -16.96 -3.83 -19.81
N GLU A 181 -16.54 -2.65 -20.33
CA GLU A 181 -16.79 -2.36 -21.76
C GLU A 181 -15.75 -2.88 -22.73
N GLN A 182 -14.79 -3.64 -22.25
CA GLN A 182 -13.85 -4.23 -23.16
C GLN A 182 -14.49 -5.47 -23.72
N GLN A 183 -14.90 -5.38 -24.97
CA GLN A 183 -15.71 -6.39 -25.57
C GLN A 183 -15.16 -6.77 -26.92
N PRO A 184 -15.54 -8.04 -27.31
CA PRO A 184 -14.95 -8.50 -28.57
C PRO A 184 -15.64 -8.04 -29.84
N ILE A 185 -15.06 -8.47 -30.96
CA ILE A 185 -15.56 -8.28 -32.31
C ILE A 185 -16.62 -9.31 -32.61
N SER A 186 -17.72 -8.87 -33.18
CA SER A 186 -18.70 -9.79 -33.71
C SER A 186 -18.57 -9.89 -35.22
N GLY A 187 -18.28 -11.08 -35.70
CA GLY A 187 -18.38 -11.38 -37.14
C GLY A 187 -19.79 -11.35 -37.70
N PRO A 188 -19.89 -11.42 -39.02
CA PRO A 188 -21.25 -11.59 -39.59
C PRO A 188 -21.89 -12.87 -38.99
N GLY A 189 -23.16 -12.70 -38.72
CA GLY A 189 -24.02 -13.78 -38.30
C GLY A 189 -23.82 -14.26 -36.88
N GLU A 190 -23.16 -13.43 -36.01
CA GLU A 190 -22.97 -13.94 -34.65
C GLU A 190 -22.94 -12.70 -33.73
N TRP A 191 -22.98 -12.96 -32.43
CA TRP A 191 -22.78 -11.82 -31.44
C TRP A 191 -21.90 -12.43 -30.35
N ASN A 192 -20.72 -11.80 -30.16
CA ASN A 192 -19.83 -12.29 -29.14
C ASN A 192 -19.81 -11.23 -28.01
N ARG A 193 -19.86 -11.75 -26.80
CA ARG A 193 -19.84 -10.80 -25.60
C ARG A 193 -18.91 -11.40 -24.57
N ILE A 194 -18.42 -10.57 -23.62
CA ILE A 194 -17.57 -11.10 -22.53
C ILE A 194 -18.26 -10.70 -21.21
N ASP A 195 -18.35 -11.63 -20.31
CA ASP A 195 -18.91 -11.44 -18.96
C ASP A 195 -17.77 -11.57 -17.97
N TYR A 196 -17.56 -10.49 -17.18
CA TYR A 196 -16.48 -10.59 -16.18
C TYR A 196 -16.97 -11.06 -14.83
N ARG A 197 -16.93 -12.37 -14.65
CA ARG A 197 -17.49 -12.96 -13.44
C ARG A 197 -16.62 -12.79 -12.23
N PRO A 198 -17.19 -12.80 -11.06
CA PRO A 198 -16.36 -12.82 -9.88
C PRO A 198 -15.72 -14.19 -9.72
N LEU A 199 -14.82 -14.33 -8.78
CA LEU A 199 -14.24 -15.62 -8.47
C LEU A 199 -15.22 -16.52 -7.72
N ASP A 200 -14.88 -17.78 -7.55
CA ASP A 200 -15.64 -18.72 -6.75
C ASP A 200 -14.87 -18.73 -5.49
N GLY A 201 -15.50 -18.67 -4.35
CA GLY A 201 -14.77 -18.71 -3.11
C GLY A 201 -14.29 -17.36 -2.66
N PHE A 202 -13.72 -17.33 -1.49
CA PHE A 202 -13.48 -16.09 -0.82
C PHE A 202 -12.08 -15.58 -1.05
N VAL A 203 -11.88 -14.28 -0.87
CA VAL A 203 -10.56 -13.73 -0.96
C VAL A 203 -10.08 -13.35 0.41
N TYR A 204 -8.82 -13.61 0.70
CA TYR A 204 -8.21 -13.30 1.99
C TYR A 204 -7.26 -12.10 1.79
N ALA A 205 -7.58 -10.97 2.43
CA ALA A 205 -6.71 -9.76 2.28
C ALA A 205 -5.95 -9.61 3.60
N ILE A 206 -4.64 -9.39 3.46
CA ILE A 206 -3.75 -9.28 4.62
C ILE A 206 -3.01 -7.99 4.36
N THR A 207 -3.07 -7.05 5.34
CA THR A 207 -2.66 -5.68 5.06
C THR A 207 -1.63 -5.15 6.07
N PRO A 208 -0.79 -4.23 5.65
CA PRO A 208 0.38 -3.85 6.45
C PRO A 208 0.09 -2.66 7.34
N PHE A 209 1.04 -2.33 8.17
CA PHE A 209 0.84 -1.23 9.09
C PHE A 209 0.89 0.14 8.49
N ASN A 210 1.60 0.26 7.39
CA ASN A 210 2.07 1.57 7.03
C ASN A 210 1.20 2.42 6.19
N PHE A 211 0.15 1.84 5.65
CA PHE A 211 -0.79 2.62 4.90
C PHE A 211 -2.22 2.21 5.17
N THR A 212 -2.98 3.17 5.63
CA THR A 212 -4.39 2.96 5.83
C THR A 212 -5.07 2.86 4.49
N SER A 213 -4.51 3.48 3.50
CA SER A 213 -5.12 3.30 2.13
C SER A 213 -4.93 1.93 1.56
N ILE A 214 -3.71 1.38 1.66
CA ILE A 214 -3.53 -0.02 1.22
C ILE A 214 -4.43 -0.92 2.00
N ALA A 215 -4.50 -0.68 3.32
CA ALA A 215 -5.31 -1.56 4.22
C ALA A 215 -6.80 -1.52 3.79
N GLY A 216 -7.31 -0.39 3.36
CA GLY A 216 -8.67 -0.34 2.90
C GLY A 216 -8.87 -0.86 1.50
N ASN A 217 -7.86 -0.77 0.68
CA ASN A 217 -7.98 -1.14 -0.72
C ASN A 217 -7.92 -2.64 -0.96
N LEU A 218 -7.04 -3.32 -0.25
CA LEU A 218 -6.86 -4.72 -0.53
C LEU A 218 -8.14 -5.54 -0.42
N PRO A 219 -8.91 -5.25 0.71
CA PRO A 219 -10.19 -6.00 0.76
C PRO A 219 -11.31 -5.45 -0.15
N THR A 220 -11.31 -4.17 -0.45
CA THR A 220 -12.42 -3.58 -1.15
C THR A 220 -12.28 -3.74 -2.67
N ALA A 221 -11.06 -3.73 -3.16
CA ALA A 221 -10.94 -3.96 -4.64
C ALA A 221 -11.55 -5.28 -5.10
N PRO A 222 -11.27 -6.42 -4.44
CA PRO A 222 -11.97 -7.61 -4.96
C PRO A 222 -13.50 -7.58 -4.67
N ALA A 223 -13.84 -6.89 -3.53
CA ALA A 223 -15.28 -6.84 -3.27
C ALA A 223 -16.05 -6.09 -4.38
N LEU A 224 -15.46 -4.99 -4.94
CA LEU A 224 -16.12 -4.22 -5.98
C LEU A 224 -16.51 -5.16 -7.15
N MET A 225 -15.67 -6.16 -7.43
CA MET A 225 -15.89 -6.99 -8.61
C MET A 225 -16.83 -8.15 -8.29
N GLY A 226 -17.43 -8.18 -7.09
CA GLY A 226 -18.51 -9.12 -6.75
C GLY A 226 -17.98 -10.22 -5.85
N ASN A 227 -16.74 -10.08 -5.34
CA ASN A 227 -16.27 -11.10 -4.37
C ASN A 227 -16.56 -10.78 -2.92
N THR A 228 -16.40 -11.82 -2.04
CA THR A 228 -16.42 -11.53 -0.60
C THR A 228 -15.16 -11.97 0.06
N VAL A 229 -14.92 -11.40 1.24
CA VAL A 229 -13.55 -11.22 1.70
C VAL A 229 -13.39 -11.36 3.18
N ILE A 230 -12.28 -11.97 3.61
CA ILE A 230 -11.90 -11.84 5.02
C ILE A 230 -10.63 -10.98 5.05
N TRP A 231 -10.59 -10.04 5.98
CA TRP A 231 -9.58 -9.07 6.02
C TRP A 231 -8.90 -9.15 7.37
N LYS A 232 -7.56 -9.23 7.32
CA LYS A 232 -6.75 -9.33 8.57
C LYS A 232 -5.84 -8.15 8.52
N PRO A 233 -6.17 -7.05 9.26
CA PRO A 233 -5.30 -5.88 9.21
C PRO A 233 -4.14 -6.02 10.21
N SER A 234 -3.12 -5.19 10.05
CA SER A 234 -1.98 -5.22 10.95
C SER A 234 -2.48 -4.70 12.32
N ILE A 235 -1.98 -5.35 13.41
CA ILE A 235 -2.38 -4.83 14.77
C ILE A 235 -2.18 -3.37 14.95
N THR A 236 -1.05 -2.75 14.57
CA THR A 236 -0.80 -1.41 14.87
C THR A 236 -1.64 -0.45 13.99
N GLN A 237 -2.36 -1.01 12.98
CA GLN A 237 -3.21 -0.14 12.11
C GLN A 237 -4.69 -0.37 12.43
N THR A 238 -4.96 -1.24 13.44
CA THR A 238 -6.33 -1.66 13.63
C THR A 238 -7.33 -0.56 14.08
N LEU A 239 -6.86 0.50 14.72
CA LEU A 239 -7.84 1.58 15.04
C LEU A 239 -8.43 2.11 13.72
N ALA A 240 -7.51 2.48 12.80
CA ALA A 240 -7.97 3.01 11.50
C ALA A 240 -8.68 1.87 10.72
N ALA A 241 -8.24 0.64 10.83
CA ALA A 241 -8.93 -0.44 10.08
C ALA A 241 -10.41 -0.50 10.54
N TYR A 242 -10.58 -0.54 11.87
CA TYR A 242 -11.98 -0.69 12.36
C TYR A 242 -12.81 0.50 11.96
N LEU A 243 -12.29 1.74 12.06
CA LEU A 243 -13.04 2.96 11.68
C LEU A 243 -13.37 2.89 10.12
N THR A 244 -12.46 2.31 9.37
CA THR A 244 -12.71 2.07 7.97
C THR A 244 -13.88 1.10 7.73
N MET A 245 -13.96 0.03 8.52
CA MET A 245 -15.10 -0.82 8.46
C MET A 245 -16.40 -0.12 8.80
N GLN A 246 -16.38 0.73 9.80
CA GLN A 246 -17.58 1.45 10.16
C GLN A 246 -18.01 2.36 9.03
N LEU A 247 -17.04 2.95 8.39
CA LEU A 247 -17.32 3.86 7.29
C LEU A 247 -17.95 3.11 6.11
N LEU A 248 -17.41 1.96 5.81
CA LEU A 248 -17.95 1.17 4.74
C LEU A 248 -19.37 0.73 5.07
N GLU A 249 -19.61 0.42 6.32
CA GLU A 249 -20.94 0.06 6.75
C GLU A 249 -21.89 1.22 6.59
N ALA A 250 -21.42 2.39 6.95
CA ALA A 250 -22.19 3.60 6.78
C ALA A 250 -22.49 3.85 5.32
N ALA A 251 -21.61 3.40 4.44
CA ALA A 251 -21.85 3.57 2.98
C ALA A 251 -22.77 2.57 2.42
N GLY A 252 -23.17 1.59 3.24
CA GLY A 252 -24.09 0.56 2.71
C GLY A 252 -23.46 -0.77 2.38
N LEU A 253 -22.19 -0.99 2.78
CA LEU A 253 -21.62 -2.33 2.51
C LEU A 253 -22.48 -3.39 3.24
N PRO A 254 -22.97 -4.41 2.51
CA PRO A 254 -23.91 -5.40 3.14
C PRO A 254 -23.05 -6.31 4.06
N PRO A 255 -23.69 -6.78 5.14
CA PRO A 255 -22.96 -7.58 6.16
C PRO A 255 -22.38 -8.82 5.54
N GLY A 256 -21.13 -9.13 5.97
CA GLY A 256 -20.48 -10.38 5.54
C GLY A 256 -19.65 -10.23 4.24
N VAL A 257 -19.88 -9.16 3.48
CA VAL A 257 -19.10 -8.99 2.23
C VAL A 257 -17.59 -8.78 2.55
N ILE A 258 -17.28 -7.99 3.56
CA ILE A 258 -15.89 -7.97 4.12
C ILE A 258 -16.01 -8.28 5.63
N ASN A 259 -15.14 -9.14 6.10
CA ASN A 259 -15.18 -9.57 7.45
C ASN A 259 -13.83 -9.32 8.07
N LEU A 260 -13.79 -8.46 9.07
CA LEU A 260 -12.57 -8.04 9.68
C LEU A 260 -12.20 -8.94 10.84
N VAL A 261 -11.04 -9.58 10.79
CA VAL A 261 -10.53 -10.37 11.91
C VAL A 261 -9.19 -9.80 12.40
N THR A 262 -9.11 -9.53 13.69
CA THR A 262 -7.98 -8.82 14.25
C THR A 262 -6.92 -9.77 14.81
N GLY A 263 -5.71 -9.23 14.98
CA GLY A 263 -4.62 -10.00 15.67
C GLY A 263 -3.43 -10.29 14.77
N ASP A 264 -2.68 -11.34 15.12
CA ASP A 264 -1.40 -11.48 14.41
C ASP A 264 -1.60 -12.32 13.14
N GLY A 265 -2.83 -12.76 12.89
CA GLY A 265 -3.10 -13.54 11.66
C GLY A 265 -2.78 -15.00 11.65
N PHE A 266 -2.13 -15.52 12.70
CA PHE A 266 -1.65 -16.91 12.56
C PHE A 266 -2.79 -17.94 12.56
N ALA A 267 -3.78 -17.79 13.45
CA ALA A 267 -4.91 -18.71 13.43
C ALA A 267 -5.82 -18.48 12.23
N VAL A 268 -5.83 -17.23 11.73
CA VAL A 268 -6.66 -16.95 10.55
C VAL A 268 -6.12 -17.70 9.36
N SER A 269 -4.78 -17.61 9.20
CA SER A 269 -4.17 -18.30 8.04
C SER A 269 -4.32 -19.80 8.19
N ASP A 270 -4.21 -20.28 9.43
CA ASP A 270 -4.43 -21.77 9.64
C ASP A 270 -5.75 -22.26 9.04
N VAL A 271 -6.81 -21.48 9.28
CA VAL A 271 -8.14 -21.78 8.79
C VAL A 271 -8.26 -21.46 7.27
N ALA A 272 -7.91 -20.25 6.89
CA ALA A 272 -8.15 -19.82 5.51
C ALA A 272 -7.38 -20.62 4.49
N LEU A 273 -6.09 -20.88 4.78
CA LEU A 273 -5.25 -21.62 3.83
C LEU A 273 -5.60 -23.11 3.76
N ALA A 274 -6.30 -23.61 4.79
CA ALA A 274 -6.79 -24.98 4.71
C ALA A 274 -8.15 -25.10 4.07
N ASP A 275 -8.81 -23.97 3.78
CA ASP A 275 -10.22 -24.12 3.31
C ASP A 275 -10.18 -24.29 1.79
N PRO A 276 -10.94 -25.23 1.27
CA PRO A 276 -10.93 -25.51 -0.18
C PRO A 276 -11.50 -24.35 -1.00
N ARG A 277 -12.20 -23.45 -0.32
CA ARG A 277 -12.88 -22.35 -1.09
C ARG A 277 -11.98 -21.14 -1.20
N LEU A 278 -10.73 -21.20 -0.76
CA LEU A 278 -9.86 -20.06 -0.92
C LEU A 278 -9.62 -19.72 -2.38
N ALA A 279 -10.06 -18.54 -2.81
CA ALA A 279 -9.92 -18.15 -4.21
C ALA A 279 -8.73 -17.23 -4.50
N GLY A 280 -8.24 -16.58 -3.48
CA GLY A 280 -7.18 -15.64 -3.64
C GLY A 280 -6.73 -15.02 -2.35
N ILE A 281 -5.52 -14.48 -2.42
CA ILE A 281 -4.92 -13.76 -1.34
C ILE A 281 -4.44 -12.42 -1.88
N HIS A 282 -4.83 -11.33 -1.24
CA HIS A 282 -4.39 -10.01 -1.60
C HIS A 282 -3.55 -9.52 -0.43
N PHE A 283 -2.26 -9.40 -0.68
CA PHE A 283 -1.28 -9.20 0.36
C PHE A 283 -0.39 -8.01 0.08
N THR A 284 -0.07 -7.25 1.11
CA THR A 284 1.03 -6.32 1.05
C THR A 284 1.77 -6.34 2.39
N GLY A 285 3.08 -6.44 2.30
CA GLY A 285 3.91 -6.61 3.45
C GLY A 285 5.29 -7.11 3.08
N SER A 286 5.94 -7.84 3.96
CA SER A 286 7.31 -8.23 3.74
C SER A 286 7.41 -9.42 2.81
N THR A 287 8.53 -9.56 2.12
CA THR A 287 8.77 -10.72 1.28
C THR A 287 8.81 -12.02 2.08
N ALA A 288 9.27 -11.94 3.29
CA ALA A 288 9.30 -13.15 4.14
C ALA A 288 7.89 -13.67 4.39
N THR A 289 6.96 -12.77 4.71
CA THR A 289 5.61 -13.25 4.99
C THR A 289 5.00 -13.73 3.68
N PHE A 290 5.24 -13.04 2.56
CA PHE A 290 4.61 -13.45 1.33
C PHE A 290 5.13 -14.80 0.93
N GLY A 291 6.44 -15.02 1.08
CA GLY A 291 7.00 -16.34 0.74
C GLY A 291 6.38 -17.48 1.56
N HIS A 292 6.14 -17.24 2.87
CA HIS A 292 5.53 -18.25 3.75
C HIS A 292 4.15 -18.60 3.22
N LEU A 293 3.37 -17.55 2.87
CA LEU A 293 1.98 -17.83 2.32
C LEU A 293 2.01 -18.58 0.98
N TRP A 294 2.95 -18.15 0.09
CA TRP A 294 3.09 -18.78 -1.21
C TRP A 294 3.49 -20.28 -1.02
N GLN A 295 4.37 -20.58 -0.08
CA GLN A 295 4.74 -21.96 0.16
C GLN A 295 3.60 -22.81 0.66
N TRP A 296 2.85 -22.23 1.57
CA TRP A 296 1.71 -22.89 2.17
C TRP A 296 0.64 -23.19 1.15
N VAL A 297 0.32 -22.24 0.31
CA VAL A 297 -0.63 -22.45 -0.74
C VAL A 297 -0.13 -23.55 -1.67
N GLY A 298 1.13 -23.50 -2.03
CA GLY A 298 1.68 -24.52 -2.89
C GLY A 298 1.60 -25.92 -2.29
N THR A 299 1.86 -26.02 -1.01
CA THR A 299 1.84 -27.32 -0.34
C THR A 299 0.43 -27.87 -0.36
N ASN A 300 -0.54 -27.00 -0.17
CA ASN A 300 -1.93 -27.38 -0.11
C ASN A 300 -2.68 -27.37 -1.43
N ILE A 301 -1.96 -27.18 -2.55
CA ILE A 301 -2.60 -26.89 -3.82
C ILE A 301 -3.68 -27.86 -4.21
N GLY A 302 -3.53 -29.13 -3.81
CA GLY A 302 -4.46 -30.12 -4.24
C GLY A 302 -5.79 -30.01 -3.54
N ARG A 303 -5.92 -29.22 -2.49
CA ARG A 303 -7.25 -29.26 -1.89
C ARG A 303 -8.18 -28.14 -2.37
N TYR A 304 -7.63 -27.19 -3.12
CA TYR A 304 -8.52 -26.02 -3.44
C TYR A 304 -9.42 -26.25 -4.66
N HIS A 305 -10.68 -25.81 -4.60
CA HIS A 305 -11.51 -25.87 -5.80
C HIS A 305 -11.02 -25.03 -6.97
N SER A 306 -10.41 -23.91 -6.67
CA SER A 306 -9.83 -23.06 -7.72
C SER A 306 -8.37 -22.88 -7.41
N TYR A 307 -7.57 -22.57 -8.44
CA TYR A 307 -6.22 -22.24 -8.20
C TYR A 307 -6.16 -20.85 -7.51
N PRO A 308 -5.70 -20.76 -6.27
CA PRO A 308 -5.79 -19.47 -5.54
C PRO A 308 -4.89 -18.42 -6.21
N ARG A 309 -5.39 -17.22 -6.36
CA ARG A 309 -4.65 -16.16 -6.98
C ARG A 309 -3.95 -15.34 -5.93
N LEU A 310 -2.64 -15.32 -6.00
CA LEU A 310 -1.87 -14.59 -5.07
C LEU A 310 -1.39 -13.31 -5.68
N VAL A 311 -1.83 -12.21 -5.08
CA VAL A 311 -1.61 -10.93 -5.62
C VAL A 311 -1.12 -9.98 -4.55
N GLY A 312 -0.13 -9.19 -4.89
CA GLY A 312 0.22 -8.08 -4.04
C GLY A 312 1.57 -7.47 -4.30
N GLU A 313 2.21 -7.01 -3.23
CA GLU A 313 3.45 -6.29 -3.34
C GLU A 313 4.22 -6.38 -2.08
N THR A 314 5.52 -6.35 -2.23
CA THR A 314 6.40 -6.32 -1.13
C THR A 314 7.29 -5.07 -1.16
N GLY A 315 8.10 -4.91 -0.14
CA GLY A 315 8.76 -3.64 0.00
C GLY A 315 10.02 -3.52 -0.82
N GLY A 316 10.87 -2.61 -0.39
CA GLY A 316 12.14 -2.43 -1.02
C GLY A 316 12.74 -1.18 -0.48
N LYS A 317 13.91 -0.86 -0.93
CA LYS A 317 14.54 0.37 -0.54
C LYS A 317 15.02 1.05 -1.80
N ASP A 318 14.99 2.37 -1.75
CA ASP A 318 15.14 3.17 -2.92
C ASP A 318 16.46 3.85 -2.89
N PHE A 319 16.94 4.25 -4.07
CA PHE A 319 18.19 4.99 -4.23
C PHE A 319 18.00 6.29 -4.99
N VAL A 320 18.90 7.25 -4.77
CA VAL A 320 18.87 8.51 -5.49
C VAL A 320 20.27 8.74 -6.00
N VAL A 321 20.40 9.10 -7.27
CA VAL A 321 21.77 9.47 -7.77
C VAL A 321 21.71 10.94 -8.21
N ALA A 322 22.60 11.75 -7.69
CA ALA A 322 22.66 13.13 -8.09
C ALA A 322 23.93 13.30 -8.98
N HIS A 323 23.64 13.72 -10.19
CA HIS A 323 24.68 14.09 -11.18
C HIS A 323 25.24 15.43 -10.79
N ALA A 324 26.42 15.79 -11.38
CA ALA A 324 27.02 17.05 -11.04
C ALA A 324 26.11 18.21 -11.42
N SER A 325 25.18 17.96 -12.34
CA SER A 325 24.23 19.07 -12.73
C SER A 325 22.95 19.14 -11.84
N ALA A 326 22.89 18.32 -10.76
CA ALA A 326 21.76 18.36 -9.83
C ALA A 326 21.60 19.73 -9.14
N ARG A 327 20.37 20.19 -9.07
CA ARG A 327 20.15 21.39 -8.19
C ARG A 327 20.29 21.01 -6.72
N PRO A 328 21.19 21.69 -6.02
CA PRO A 328 21.50 21.24 -4.65
C PRO A 328 20.29 21.37 -3.70
N ASP A 329 19.47 22.37 -3.87
CA ASP A 329 18.35 22.56 -2.97
C ASP A 329 17.25 21.53 -3.18
N VAL A 330 17.03 21.19 -4.43
CA VAL A 330 16.08 20.10 -4.81
C VAL A 330 16.62 18.80 -4.22
N LEU A 331 17.92 18.55 -4.39
CA LEU A 331 18.48 17.28 -3.93
C LEU A 331 18.36 17.21 -2.40
N ARG A 332 18.74 18.31 -1.73
CA ARG A 332 18.70 18.31 -0.24
C ARG A 332 17.27 17.98 0.27
N THR A 333 16.30 18.66 -0.37
CA THR A 333 14.89 18.44 0.01
C THR A 333 14.36 17.08 -0.31
N ALA A 334 14.76 16.55 -1.49
CA ALA A 334 14.33 15.22 -1.82
C ALA A 334 14.88 14.19 -0.86
N LEU A 335 16.15 14.41 -0.44
CA LEU A 335 16.74 13.44 0.45
C LEU A 335 16.04 13.51 1.87
N ILE A 336 15.85 14.71 2.40
CA ILE A 336 15.24 14.82 3.70
C ILE A 336 13.83 14.25 3.67
N ARG A 337 13.05 14.65 2.64
CA ARG A 337 11.68 14.03 2.57
C ARG A 337 11.69 12.58 2.29
N GLY A 338 12.48 12.19 1.28
CA GLY A 338 12.50 10.81 0.92
C GLY A 338 12.96 9.85 1.99
N ALA A 339 13.96 10.25 2.77
CA ALA A 339 14.48 9.30 3.79
C ALA A 339 13.64 9.46 5.12
N PHE A 340 13.18 10.67 5.39
CA PHE A 340 12.67 10.93 6.78
C PHE A 340 11.17 11.18 6.85
N ASP A 341 10.47 11.40 5.73
CA ASP A 341 8.99 11.39 5.84
C ASP A 341 8.54 10.04 6.40
N TYR A 342 7.55 10.11 7.35
CA TYR A 342 7.00 8.99 8.05
C TYR A 342 8.11 8.03 8.57
N GLN A 343 9.17 8.75 9.08
CA GLN A 343 10.29 8.07 9.81
C GLN A 343 10.88 6.94 8.96
N GLY A 344 10.82 7.18 7.62
CA GLY A 344 11.41 6.09 6.79
C GLY A 344 10.60 4.87 6.55
N GLN A 345 9.30 4.87 6.92
CA GLN A 345 8.55 3.65 7.00
C GLN A 345 7.59 3.49 5.83
N LYS A 346 7.84 4.18 4.73
CA LYS A 346 6.93 4.08 3.59
C LYS A 346 7.46 2.97 2.79
N CME A 347 6.56 2.25 2.12
CA CME A 347 6.81 0.95 1.50
CB CME A 347 5.84 0.53 0.42
SG CME A 347 4.26 -0.11 0.89
SD CME A 347 4.16 -1.51 2.31
CE CME A 347 5.41 -2.64 1.85
CZ CME A 347 5.36 -3.83 2.79
OH CME A 347 6.46 -3.77 3.67
C CME A 347 8.12 1.00 0.82
O CME A 347 8.76 -0.04 0.71
N SER A 348 8.50 2.19 0.39
CA SER A 348 9.82 2.54 -0.01
C SER A 348 10.28 3.94 0.40
N ALA A 349 11.43 3.96 1.03
CA ALA A 349 11.96 5.21 1.47
C ALA A 349 13.33 5.31 0.86
N VAL A 350 13.85 6.51 0.76
CA VAL A 350 15.26 6.67 0.29
C VAL A 350 16.21 6.21 1.40
N SER A 351 16.94 5.15 1.16
CA SER A 351 17.94 4.58 2.02
C SER A 351 19.33 4.89 1.52
N ARG A 352 19.52 5.05 0.21
CA ARG A 352 20.93 5.15 -0.32
C ARG A 352 21.00 6.30 -1.31
N ALA A 353 21.95 7.21 -1.15
CA ALA A 353 22.07 8.31 -2.09
C ALA A 353 23.52 8.31 -2.57
N PHE A 354 23.66 8.63 -3.84
CA PHE A 354 25.02 8.68 -4.44
C PHE A 354 25.13 10.09 -4.96
N ILE A 355 26.06 10.90 -4.42
CA ILE A 355 26.03 12.28 -4.73
C ILE A 355 27.37 12.72 -5.33
N ALA A 356 27.30 13.41 -6.44
CA ALA A 356 28.60 13.94 -7.03
C ALA A 356 29.29 14.85 -6.05
N HIS A 357 30.65 14.70 -5.96
CA HIS A 357 31.43 15.55 -5.01
C HIS A 357 31.17 16.97 -5.08
N SER A 358 31.11 17.56 -6.28
CA SER A 358 30.90 19.03 -6.35
C SER A 358 29.54 19.48 -5.79
N VAL A 359 28.52 18.61 -5.92
CA VAL A 359 27.18 18.95 -5.35
C VAL A 359 27.19 18.78 -3.79
N TRP A 360 27.86 17.72 -3.31
CA TRP A 360 28.07 17.53 -1.87
C TRP A 360 28.76 18.72 -1.24
N GLN A 361 29.74 19.28 -1.97
CA GLN A 361 30.33 20.53 -1.43
C GLN A 361 29.34 21.64 -1.24
N ARG A 362 28.28 21.71 -2.07
CA ARG A 362 27.32 22.74 -1.97
C ARG A 362 26.17 22.49 -1.05
N MET A 363 25.84 21.24 -0.78
CA MET A 363 24.61 21.05 0.04
C MET A 363 24.83 20.12 1.22
N GLY A 364 26.05 19.56 1.37
CA GLY A 364 26.29 18.46 2.31
C GLY A 364 26.15 18.99 3.75
N ASP A 365 26.76 20.09 4.04
CA ASP A 365 26.63 20.62 5.46
C ASP A 365 25.18 21.02 5.75
N GLU A 366 24.52 21.61 4.77
CA GLU A 366 23.07 21.94 4.96
C GLU A 366 22.22 20.70 5.16
N LEU A 367 22.47 19.63 4.41
CA LEU A 367 21.67 18.41 4.69
C LEU A 367 21.89 17.93 6.13
N LEU A 368 23.17 17.91 6.61
CA LEU A 368 23.35 17.39 7.93
C LEU A 368 22.74 18.35 8.99
N ALA A 369 22.79 19.63 8.74
CA ALA A 369 22.26 20.58 9.71
C ALA A 369 20.76 20.47 9.76
N LYS A 370 20.11 20.28 8.59
CA LYS A 370 18.63 20.22 8.61
C LYS A 370 18.19 18.90 9.20
N ALA A 371 18.91 17.82 8.95
CA ALA A 371 18.59 16.54 9.55
C ALA A 371 18.73 16.58 11.08
N ALA A 372 19.72 17.36 11.55
CA ALA A 372 19.97 17.38 13.00
C ALA A 372 18.81 18.14 13.65
N GLU A 373 18.20 19.14 12.98
CA GLU A 373 17.12 19.99 13.55
C GLU A 373 15.75 19.37 13.33
N LEU A 374 15.64 18.31 12.56
CA LEU A 374 14.33 17.80 12.24
C LEU A 374 13.64 17.27 13.48
N ARG A 375 12.40 17.67 13.68
CA ARG A 375 11.70 17.35 14.89
C ARG A 375 10.78 16.17 14.75
N TYR A 376 11.08 15.13 15.49
CA TYR A 376 10.25 13.96 15.62
C TYR A 376 9.70 13.95 17.02
N GLY A 377 8.41 13.75 17.18
CA GLY A 377 7.81 13.78 18.57
C GLY A 377 6.35 13.34 18.47
N ASP A 378 5.57 13.72 19.49
CA ASP A 378 4.17 13.33 19.49
C ASP A 378 3.48 14.09 18.34
N ILE A 379 2.80 13.33 17.45
CA ILE A 379 2.25 14.00 16.28
C ILE A 379 0.92 14.72 16.49
N THR A 380 0.46 14.76 17.79
CA THR A 380 -0.60 15.69 18.06
C THR A 380 -0.08 17.12 18.22
N ASP A 381 1.26 17.31 18.35
CA ASP A 381 1.82 18.60 18.11
C ASP A 381 2.12 18.75 16.65
N LEU A 382 1.32 19.57 16.00
CA LEU A 382 1.38 19.64 14.55
C LEU A 382 2.67 20.26 14.03
N SER A 383 3.43 20.93 14.92
CA SER A 383 4.70 21.47 14.50
C SER A 383 5.77 20.37 14.24
N ASN A 384 5.61 19.17 14.75
CA ASN A 384 6.60 18.08 14.53
C ASN A 384 6.59 17.71 13.01
N TYR A 385 7.75 17.32 12.52
CA TYR A 385 7.90 16.83 11.17
C TYR A 385 7.37 15.44 11.06
N GLY A 386 7.60 14.67 12.10
CA GLY A 386 7.14 13.32 12.18
C GLY A 386 7.08 12.78 13.59
N GLY A 387 6.81 11.49 13.69
CA GLY A 387 6.64 10.78 14.93
C GLY A 387 7.63 9.68 15.27
N ALA A 388 7.16 8.57 15.81
CA ALA A 388 8.01 7.47 16.20
C ALA A 388 7.97 6.27 15.28
N LEU A 389 8.81 5.26 15.52
CA LEU A 389 8.70 4.03 14.73
C LEU A 389 7.50 3.28 15.27
N ILE A 390 7.02 2.34 14.46
CA ILE A 390 5.65 1.78 14.70
C ILE A 390 5.54 0.94 15.96
N ASP A 391 6.60 0.20 16.36
CA ASP A 391 6.44 -0.76 17.49
C ASP A 391 7.85 -1.15 17.97
N GLN A 392 7.87 -1.89 19.09
CA GLN A 392 9.17 -2.21 19.69
C GLN A 392 10.04 -3.03 18.74
N ARG A 393 9.48 -3.96 18.01
CA ARG A 393 10.34 -4.75 17.08
C ARG A 393 10.99 -3.81 16.07
N ALA A 394 10.25 -2.85 15.49
CA ALA A 394 10.87 -1.91 14.57
C ALA A 394 11.96 -1.10 15.25
N PHE A 395 11.72 -0.75 16.51
CA PHE A 395 12.69 0.08 17.19
C PHE A 395 14.01 -0.75 17.38
N VAL A 396 13.84 -1.96 17.82
CA VAL A 396 15.02 -2.90 18.01
C VAL A 396 15.82 -3.04 16.71
N LYS A 397 15.09 -3.24 15.63
CA LYS A 397 15.78 -3.39 14.30
C LYS A 397 16.52 -2.14 13.96
N ASN A 398 16.02 -0.94 14.29
CA ASN A 398 16.71 0.31 14.00
C ASN A 398 17.92 0.55 14.91
N VAL A 399 17.77 0.24 16.19
CA VAL A 399 18.94 0.27 17.09
C VAL A 399 19.99 -0.69 16.53
N ASP A 400 19.64 -1.94 16.20
CA ASP A 400 20.68 -2.94 15.67
C ASP A 400 21.37 -2.36 14.46
N ALA A 401 20.60 -1.71 13.60
CA ALA A 401 21.23 -1.09 12.41
C ALA A 401 22.13 -0.01 12.73
N ILE A 402 21.80 0.91 13.64
CA ILE A 402 22.64 2.03 13.97
C ILE A 402 23.93 1.49 14.69
N GLU A 403 23.76 0.50 15.55
CA GLU A 403 24.97 0.00 16.26
C GLU A 403 25.87 -0.73 15.23
N ARG A 404 25.29 -1.42 14.29
CA ARG A 404 26.11 -2.05 13.19
C ARG A 404 26.84 -1.01 12.38
N ALA A 405 26.19 0.11 12.05
CA ALA A 405 26.81 1.23 11.38
C ALA A 405 27.95 1.82 12.20
N LYS A 406 27.75 2.04 13.49
CA LYS A 406 28.80 2.61 14.32
C LYS A 406 30.02 1.61 14.30
N GLY A 407 29.77 0.31 14.34
CA GLY A 407 30.91 -0.68 14.41
C GLY A 407 31.54 -1.00 13.05
N ALA A 408 30.90 -0.64 11.94
CA ALA A 408 31.42 -0.99 10.58
C ALA A 408 32.42 0.05 10.12
N ALA A 409 33.55 -0.43 9.56
CA ALA A 409 34.58 0.48 9.16
C ALA A 409 34.17 1.31 7.92
N ALA A 410 33.32 0.72 7.09
CA ALA A 410 32.97 1.38 5.83
C ALA A 410 32.00 2.55 6.02
N VAL A 411 31.42 2.67 7.24
CA VAL A 411 30.38 3.68 7.45
C VAL A 411 30.69 4.57 8.62
N THR A 412 30.48 5.89 8.50
CA THR A 412 30.58 6.86 9.60
C THR A 412 29.17 7.43 9.92
N VAL A 413 28.77 7.58 11.19
CA VAL A 413 27.51 8.34 11.48
C VAL A 413 27.80 9.77 11.45
N ALA A 414 27.26 10.48 10.47
CA ALA A 414 27.49 11.92 10.31
C ALA A 414 26.61 12.81 11.13
N VAL A 415 25.37 12.40 11.30
CA VAL A 415 24.46 13.20 12.08
C VAL A 415 23.48 12.18 12.62
N GLY A 416 22.91 12.42 13.82
CA GLY A 416 21.90 11.48 14.33
C GLY A 416 22.39 10.19 14.99
N GLY A 417 21.65 9.13 14.88
CA GLY A 417 21.99 7.84 15.43
C GLY A 417 21.53 7.73 16.89
N GLU A 418 20.90 8.78 17.44
CA GLU A 418 20.39 8.65 18.85
C GLU A 418 18.99 8.02 18.86
N TYR A 419 18.63 7.39 19.98
CA TYR A 419 17.35 6.63 20.03
C TYR A 419 16.93 6.50 21.48
N ASP A 420 15.64 6.38 21.77
CA ASP A 420 15.16 6.31 23.14
C ASP A 420 13.74 5.82 23.08
N ASP A 421 13.46 4.69 23.69
CA ASP A 421 12.14 4.11 23.71
C ASP A 421 11.41 4.32 25.05
N SER A 422 11.79 5.34 25.78
CA SER A 422 11.21 5.57 27.09
C SER A 422 9.81 6.17 27.07
N GLU A 423 9.54 7.08 26.13
CA GLU A 423 8.22 7.70 25.94
C GLU A 423 7.51 7.06 24.71
N GLY A 424 8.23 7.03 23.59
CA GLY A 424 7.75 6.43 22.37
C GLY A 424 8.92 5.79 21.68
N TYR A 425 8.69 5.15 20.56
CA TYR A 425 9.73 4.41 19.87
C TYR A 425 10.56 5.34 18.97
N PHE A 426 11.27 6.25 19.59
CA PHE A 426 11.86 7.29 18.87
C PHE A 426 13.29 6.98 18.39
N VAL A 427 13.52 7.25 17.08
CA VAL A 427 14.90 7.14 16.51
C VAL A 427 15.11 8.39 15.76
N ARG A 428 16.26 9.09 15.90
CA ARG A 428 16.52 10.33 15.20
C ARG A 428 16.89 10.11 13.71
N PRO A 429 16.56 11.08 12.90
CA PRO A 429 16.98 11.04 11.48
C PRO A 429 18.49 10.87 11.55
N THR A 430 18.98 9.91 10.79
CA THR A 430 20.38 9.56 10.81
C THR A 430 20.94 9.55 9.41
N VAL A 431 22.11 10.17 9.26
CA VAL A 431 22.81 10.21 7.96
C VAL A 431 24.14 9.51 8.15
N LEU A 432 24.35 8.47 7.35
CA LEU A 432 25.61 7.71 7.41
C LEU A 432 26.43 8.09 6.14
N LEU A 433 27.74 8.33 6.34
CA LEU A 433 28.62 8.50 5.14
C LEU A 433 29.32 7.21 4.85
N SER A 434 29.15 6.74 3.64
CA SER A 434 29.67 5.49 3.23
C SER A 434 30.78 5.70 2.23
N ASP A 435 31.92 5.09 2.47
CA ASP A 435 33.04 5.27 1.58
C ASP A 435 33.01 4.28 0.44
N ASP A 436 32.19 3.26 0.52
CA ASP A 436 32.13 2.23 -0.49
C ASP A 436 30.81 2.29 -1.27
N PRO A 437 30.94 2.53 -2.65
CA PRO A 437 29.64 2.58 -3.34
C PRO A 437 28.90 1.26 -3.30
N THR A 438 29.50 0.22 -2.74
CA THR A 438 28.72 -0.96 -2.35
C THR A 438 28.06 -0.79 -0.97
N TYR A 446 15.27 -3.13 6.62
CA TYR A 446 14.28 -2.73 7.64
C TYR A 446 14.09 -1.26 7.57
N PHE A 447 12.85 -0.83 7.81
CA PHE A 447 12.38 0.50 7.59
C PHE A 447 12.86 1.40 8.73
N GLY A 448 13.29 2.60 8.42
CA GLY A 448 13.59 3.55 9.46
C GLY A 448 14.24 4.77 8.92
N PRO A 449 14.46 5.74 9.89
CA PRO A 449 14.92 7.01 9.38
C PRO A 449 16.43 7.04 9.19
N LEU A 450 16.94 6.14 8.38
CA LEU A 450 18.37 6.08 8.12
C LEU A 450 18.68 6.30 6.65
N LEU A 451 19.62 7.17 6.37
CA LEU A 451 20.04 7.47 5.01
C LEU A 451 21.53 7.28 4.91
N SER A 452 21.96 6.48 3.95
CA SER A 452 23.39 6.27 3.68
C SER A 452 23.79 7.13 2.44
N VAL A 453 24.82 7.94 2.54
CA VAL A 453 25.22 8.82 1.40
C VAL A 453 26.62 8.36 1.01
N HIS A 454 26.79 8.12 -0.30
CA HIS A 454 28.14 7.87 -0.82
C HIS A 454 28.48 9.02 -1.75
N VAL A 455 29.56 9.68 -1.49
CA VAL A 455 29.98 10.86 -2.34
C VAL A 455 30.99 10.40 -3.38
N TYR A 456 30.73 10.66 -4.67
CA TYR A 456 31.54 10.00 -5.70
C TYR A 456 32.09 11.12 -6.58
N PRO A 457 33.31 10.91 -7.18
CA PRO A 457 33.84 12.01 -7.97
C PRO A 457 32.95 12.24 -9.22
N ASP A 458 32.80 13.53 -9.54
CA ASP A 458 31.82 13.93 -10.58
C ASP A 458 31.98 13.09 -11.87
N GLU A 459 33.25 12.83 -12.23
CA GLU A 459 33.47 12.22 -13.58
C GLU A 459 33.18 10.72 -13.59
N ARG A 460 32.82 10.14 -12.43
CA ARG A 460 32.53 8.73 -12.39
C ARG A 460 30.99 8.47 -12.31
N TYR A 461 30.23 9.39 -12.86
CA TYR A 461 28.74 9.23 -12.90
C TYR A 461 28.35 7.91 -13.60
N GLU A 462 28.89 7.62 -14.76
CA GLU A 462 28.51 6.40 -15.45
C GLU A 462 28.94 5.14 -14.75
N GLN A 463 30.04 5.22 -14.06
CA GLN A 463 30.50 4.09 -13.30
C GLN A 463 29.63 3.84 -12.10
N ILE A 464 29.12 4.89 -11.49
CA ILE A 464 28.20 4.76 -10.39
C ILE A 464 26.90 4.12 -10.85
N LEU A 465 26.43 4.52 -12.02
CA LEU A 465 25.26 3.90 -12.59
C LEU A 465 25.46 2.41 -12.77
N ASP A 466 26.62 1.99 -13.18
CA ASP A 466 26.93 0.57 -13.27
C ASP A 466 26.89 -0.16 -11.94
N VAL A 467 27.51 0.44 -10.96
CA VAL A 467 27.46 -0.09 -9.63
C VAL A 467 26.02 -0.30 -9.14
N ILE A 468 25.18 0.70 -9.33
CA ILE A 468 23.80 0.60 -8.92
C ILE A 468 23.12 -0.56 -9.65
N ASP A 469 23.33 -0.64 -10.92
CA ASP A 469 22.65 -1.69 -11.70
C ASP A 469 23.10 -3.05 -11.19
N THR A 470 24.41 -3.23 -11.01
CA THR A 470 24.92 -4.51 -10.45
C THR A 470 24.39 -4.83 -9.04
N GLY A 471 24.25 -3.86 -8.15
CA GLY A 471 23.56 -4.09 -6.86
C GLY A 471 22.00 -4.03 -6.83
N SER A 472 21.33 -4.21 -7.96
CA SER A 472 19.88 -3.94 -8.06
C SER A 472 18.82 -4.98 -7.72
N ARG A 473 19.07 -5.85 -6.78
CA ARG A 473 18.04 -6.82 -6.43
C ARG A 473 16.78 -6.28 -5.75
N TYR A 474 16.88 -5.39 -4.78
CA TYR A 474 15.70 -5.00 -3.97
C TYR A 474 15.25 -3.58 -4.16
N ALA A 475 15.61 -3.18 -5.35
CA ALA A 475 15.40 -1.91 -5.92
C ALA A 475 13.98 -1.72 -6.34
N LEU A 476 13.24 -0.97 -5.58
CA LEU A 476 11.89 -0.65 -5.93
C LEU A 476 11.84 0.63 -6.70
N THR A 477 12.49 1.66 -6.21
CA THR A 477 12.34 2.92 -6.91
C THR A 477 13.71 3.55 -7.01
N GLY A 478 13.92 4.31 -8.06
CA GLY A 478 15.23 5.01 -8.19
C GLY A 478 14.93 6.45 -8.63
N ALA A 479 15.86 7.38 -8.35
CA ALA A 479 15.64 8.78 -8.84
C ALA A 479 16.98 9.27 -9.31
N VAL A 480 16.94 10.12 -10.35
CA VAL A 480 18.13 10.88 -10.75
C VAL A 480 17.85 12.34 -10.57
N ILE A 481 18.77 13.03 -9.94
CA ILE A 481 18.61 14.51 -9.87
C ILE A 481 19.69 15.11 -10.77
N ALA A 482 19.26 15.86 -11.77
CA ALA A 482 20.25 16.35 -12.87
C ALA A 482 19.44 17.32 -13.69
N ASP A 483 19.98 18.48 -13.96
CA ASP A 483 19.28 19.36 -14.94
C ASP A 483 19.75 19.00 -16.36
N ASP A 484 20.89 18.35 -16.50
CA ASP A 484 21.45 18.03 -17.79
C ASP A 484 20.69 16.91 -18.48
N ARG A 485 20.14 17.16 -19.65
CA ARG A 485 19.23 16.18 -20.25
C ARG A 485 19.94 14.88 -20.62
N GLN A 486 21.16 15.01 -21.07
CA GLN A 486 21.95 13.84 -21.38
C GLN A 486 22.16 12.99 -20.16
N ALA A 487 22.43 13.61 -19.02
CA ALA A 487 22.56 12.81 -17.82
C ALA A 487 21.27 12.13 -17.43
N VAL A 488 20.19 12.84 -17.53
CA VAL A 488 18.86 12.23 -17.21
C VAL A 488 18.63 11.02 -18.15
N LEU A 489 18.81 11.17 -19.47
CA LEU A 489 18.54 10.06 -20.37
C LEU A 489 19.51 8.90 -20.12
N THR A 490 20.78 9.23 -19.78
CA THR A 490 21.71 8.19 -19.45
C THR A 490 21.25 7.34 -18.29
N ALA A 491 20.78 8.04 -17.21
CA ALA A 491 20.19 7.32 -16.06
C ALA A 491 18.94 6.49 -16.46
N LEU A 492 18.06 7.08 -17.27
CA LEU A 492 16.80 6.32 -17.59
C LEU A 492 17.13 5.07 -18.39
N ASP A 493 18.16 5.17 -19.23
CA ASP A 493 18.56 4.03 -20.01
C ASP A 493 19.39 3.02 -19.25
N ARG A 494 20.43 3.45 -18.52
CA ARG A 494 21.40 2.52 -17.96
C ARG A 494 20.68 1.77 -16.80
N LEU A 495 19.73 2.44 -16.15
CA LEU A 495 19.06 1.86 -14.98
C LEU A 495 17.66 1.39 -15.33
N ARG A 496 17.42 1.17 -16.60
CA ARG A 496 16.07 0.78 -17.03
C ARG A 496 15.55 -0.46 -16.34
N PHE A 497 16.42 -1.42 -16.12
CA PHE A 497 16.03 -2.65 -15.49
C PHE A 497 16.40 -2.74 -14.03
N ALA A 498 16.95 -1.67 -13.47
CA ALA A 498 17.43 -1.68 -12.12
C ALA A 498 16.43 -1.21 -11.07
N ALA A 499 15.26 -0.80 -11.48
CA ALA A 499 14.24 -0.33 -10.58
C ALA A 499 12.91 -0.28 -11.29
N GLY A 500 11.83 -0.45 -10.56
CA GLY A 500 10.52 -0.49 -11.17
C GLY A 500 9.80 0.83 -11.39
N ASN A 501 10.16 1.80 -10.61
CA ASN A 501 9.65 3.12 -10.79
C ASN A 501 10.85 4.05 -10.77
N PHE A 502 10.88 5.02 -11.67
CA PHE A 502 12.02 5.93 -11.76
C PHE A 502 11.57 7.40 -11.74
N TYR A 503 12.26 8.24 -10.99
CA TYR A 503 11.84 9.59 -10.82
C TYR A 503 12.98 10.52 -11.29
N VAL A 504 12.63 11.68 -11.89
CA VAL A 504 13.65 12.65 -12.38
C VAL A 504 13.31 13.92 -11.59
N ASN A 505 14.35 14.40 -10.90
CA ASN A 505 14.26 15.67 -10.14
C ASN A 505 13.18 15.77 -9.11
N ASP A 506 12.99 14.68 -8.41
CA ASP A 506 12.11 14.62 -7.27
C ASP A 506 12.47 13.39 -6.45
N LYS A 507 11.92 13.34 -5.25
CA LYS A 507 12.04 12.17 -4.43
C LYS A 507 11.23 11.05 -5.00
N PRO A 508 11.84 9.82 -4.76
CA PRO A 508 11.13 8.70 -5.36
C PRO A 508 10.13 8.11 -4.47
N THR A 509 9.45 8.92 -3.71
CA THR A 509 8.44 8.43 -2.80
C THR A 509 7.18 9.17 -3.15
N GLY A 510 6.05 8.62 -2.76
CA GLY A 510 4.79 9.35 -2.90
C GLY A 510 3.92 9.12 -4.13
N ALA A 511 3.72 7.88 -4.52
CA ALA A 511 2.98 7.56 -5.79
C ALA A 511 1.48 7.85 -5.56
N VAL A 512 0.81 8.42 -6.57
CA VAL A 512 -0.53 8.96 -6.47
C VAL A 512 -1.28 8.09 -7.43
N VAL A 513 -2.46 7.64 -7.00
CA VAL A 513 -3.30 6.70 -7.87
C VAL A 513 -3.58 7.30 -9.22
N GLY A 514 -3.44 6.50 -10.30
CA GLY A 514 -3.68 7.07 -11.61
C GLY A 514 -2.48 7.70 -12.30
N ARG A 515 -1.45 7.96 -11.50
CA ARG A 515 -0.30 8.82 -11.98
C ARG A 515 0.97 8.00 -11.98
N GLN A 516 1.26 7.27 -10.91
CA GLN A 516 2.50 6.45 -11.01
C GLN A 516 2.13 5.05 -10.64
N PRO A 517 1.44 4.31 -11.59
CA PRO A 517 1.14 2.84 -11.37
C PRO A 517 2.40 1.97 -11.40
N PHE A 518 2.22 0.64 -11.23
CA PHE A 518 3.25 -0.38 -11.68
C PHE A 518 4.54 -0.30 -10.98
N GLY A 519 5.56 -0.84 -11.67
N GLY A 519 5.59 -0.80 -11.61
CA GLY A 519 6.89 -1.15 -11.17
CA GLY A 519 6.88 -0.93 -10.98
C GLY A 519 7.03 -2.47 -10.38
C GLY A 519 6.82 -1.61 -9.60
N GLY A 520 7.85 -2.41 -9.33
CA GLY A 520 7.93 -3.46 -8.31
C GLY A 520 9.40 -3.69 -8.40
N ALA A 521 9.93 -4.48 -7.48
CA ALA A 521 11.33 -4.71 -7.40
C ALA A 521 11.71 -5.47 -8.63
N ARG A 522 12.99 -5.40 -8.94
CA ARG A 522 13.57 -6.09 -10.06
C ARG A 522 13.26 -7.61 -9.96
N GLY A 523 12.84 -8.19 -11.07
CA GLY A 523 12.51 -9.59 -11.15
C GLY A 523 11.08 -9.91 -10.61
N SER A 524 10.39 -8.95 -9.97
CA SER A 524 9.06 -9.32 -9.44
C SER A 524 8.03 -9.47 -10.57
N ASP A 525 6.88 -10.06 -10.22
CA ASP A 525 5.77 -10.16 -11.16
C ASP A 525 4.58 -9.48 -10.49
N THR A 526 4.64 -8.16 -10.47
CA THR A 526 3.66 -7.39 -9.70
C THR A 526 2.98 -6.30 -10.59
N ASN A 527 2.97 -6.41 -11.98
CA ASN A 527 2.20 -5.52 -12.98
C ASN A 527 0.71 -5.47 -12.38
N ASP A 528 0.24 -6.49 -11.64
CA ASP A 528 -1.20 -6.56 -11.31
C ASP A 528 -1.41 -6.01 -9.88
N LYS A 529 -0.48 -5.27 -9.38
CA LYS A 529 -0.76 -4.76 -8.06
C LYS A 529 -1.75 -3.57 -8.08
N ALA A 530 -2.22 -3.19 -6.90
CA ALA A 530 -3.17 -2.06 -6.84
C ALA A 530 -2.75 -0.86 -7.60
N GLY A 531 -3.74 -0.18 -8.24
CA GLY A 531 -3.48 1.12 -8.93
C GLY A 531 -3.73 1.12 -10.41
N SER A 532 -4.12 -0.01 -10.93
CA SER A 532 -4.51 -0.07 -12.28
C SER A 532 -5.62 -1.06 -12.41
N PRO A 533 -6.20 -1.00 -13.67
CA PRO A 533 -7.23 -2.00 -13.89
C PRO A 533 -6.74 -3.40 -13.85
N LEU A 534 -5.45 -3.62 -14.02
CA LEU A 534 -4.96 -5.05 -14.03
C LEU A 534 -5.16 -5.71 -12.66
N ASN A 535 -5.15 -4.89 -11.54
CA ASN A 535 -5.43 -5.54 -10.29
C ASN A 535 -6.86 -6.09 -10.25
N LEU A 536 -7.78 -5.25 -10.74
CA LEU A 536 -9.20 -5.62 -10.62
C LEU A 536 -9.50 -6.86 -11.50
N LEU A 537 -8.77 -6.97 -12.63
CA LEU A 537 -8.98 -8.14 -13.46
C LEU A 537 -8.58 -9.43 -12.76
N ARG A 538 -7.62 -9.35 -11.85
CA ARG A 538 -7.25 -10.55 -11.03
C ARG A 538 -8.40 -11.13 -10.20
N TRP A 539 -9.36 -10.24 -9.89
CA TRP A 539 -10.55 -10.64 -9.11
C TRP A 539 -11.74 -10.95 -9.98
N THR A 540 -11.48 -11.25 -11.29
CA THR A 540 -12.55 -11.67 -12.14
C THR A 540 -12.09 -12.94 -12.89
N SER A 541 -13.08 -13.65 -13.44
CA SER A 541 -12.78 -14.74 -14.36
C SER A 541 -13.64 -14.52 -15.61
N ALA A 542 -13.06 -13.92 -16.63
CA ALA A 542 -13.85 -13.53 -17.85
C ALA A 542 -14.27 -14.79 -18.63
N ARG A 543 -15.55 -14.79 -19.02
CA ARG A 543 -16.02 -15.82 -20.03
C ARG A 543 -16.50 -15.12 -21.26
N SER A 544 -16.26 -15.75 -22.41
CA SER A 544 -16.82 -15.34 -23.65
C SER A 544 -18.18 -16.10 -23.89
N ILE A 545 -19.16 -15.36 -24.45
CA ILE A 545 -20.44 -15.91 -24.83
C ILE A 545 -20.60 -15.60 -26.32
N LYS A 546 -20.83 -16.65 -27.13
CA LYS A 546 -20.99 -16.50 -28.59
C LYS A 546 -22.38 -17.01 -28.94
N GLU A 547 -23.17 -16.20 -29.58
CA GLU A 547 -24.46 -16.65 -30.14
C GLU A 547 -24.31 -16.65 -31.64
N THR A 548 -24.69 -17.79 -32.27
CA THR A 548 -24.66 -17.81 -33.75
C THR A 548 -26.16 -17.79 -34.20
N PHE A 549 -26.47 -16.92 -35.15
CA PHE A 549 -27.89 -16.74 -35.48
C PHE A 549 -28.42 -17.83 -36.44
N VAL A 550 -27.57 -18.25 -37.38
CA VAL A 550 -28.05 -19.21 -38.44
C VAL A 550 -26.90 -20.21 -38.65
N ALA A 551 -26.76 -21.11 -37.67
CA ALA A 551 -25.65 -22.07 -37.74
C ALA A 551 -25.95 -23.12 -38.82
N ALA A 552 -24.86 -23.80 -39.17
CA ALA A 552 -24.88 -24.82 -40.27
C ALA A 552 -25.91 -25.90 -39.87
N THR A 553 -26.57 -26.40 -40.92
CA THR A 553 -27.55 -27.49 -40.77
C THR A 553 -27.08 -28.72 -41.60
N ASP A 554 -25.87 -28.66 -42.16
CA ASP A 554 -25.24 -29.85 -42.78
C ASP A 554 -23.80 -29.82 -42.35
N HIS A 555 -23.26 -30.97 -41.95
CA HIS A 555 -21.92 -31.00 -41.43
C HIS A 555 -20.83 -31.08 -42.50
N ILE A 556 -21.21 -31.42 -43.73
CA ILE A 556 -20.19 -31.59 -44.76
C ILE A 556 -19.47 -30.28 -45.11
N TYR A 557 -18.16 -30.32 -45.34
CA TYR A 557 -17.43 -29.10 -45.74
C TYR A 557 -17.23 -28.97 -47.25
N PRO A 558 -17.12 -27.76 -47.76
CA PRO A 558 -16.89 -27.52 -49.19
C PRO A 558 -15.71 -28.35 -49.81
N HIS A 559 -14.63 -28.52 -49.09
CA HIS A 559 -13.50 -29.26 -49.62
C HIS A 559 -13.85 -30.72 -49.94
N MET A 560 -14.93 -31.23 -49.40
CA MET A 560 -15.23 -32.64 -49.48
C MET A 560 -15.96 -33.02 -50.75
N ALA A 561 -16.40 -32.04 -51.47
CA ALA A 561 -17.16 -32.29 -52.67
C ALA A 561 -16.31 -32.97 -53.71
N VAL A 562 -16.97 -33.77 -54.54
CA VAL A 562 -16.37 -34.33 -55.72
C VAL A 562 -16.50 -33.35 -56.87
N ASP A 563 -15.49 -33.07 -57.68
CA ASP A 563 -14.13 -33.54 -57.57
C ASP A 563 -14.06 -34.88 -56.93
PA NAD B . 4.59 -7.88 7.56
O1A NAD B . 4.76 -8.73 6.35
O2A NAD B . 5.27 -8.09 8.91
O5B NAD B . 2.98 -7.92 7.86
C5B NAD B . 1.99 -7.47 6.84
C4B NAD B . 0.71 -8.14 7.43
O4B NAD B . 0.83 -9.57 7.41
C3B NAD B . 0.30 -7.78 8.85
O3B NAD B . -1.16 -7.73 8.88
C2B NAD B . 0.84 -8.97 9.66
O2B NAD B . 0.27 -9.14 10.93
C1B NAD B . 0.40 -10.09 8.76
N9A NAD B . 0.92 -11.44 8.91
C8A NAD B . 2.24 -11.79 9.10
N7A NAD B . 2.30 -13.16 9.11
C5A NAD B . 1.08 -13.65 8.85
C6A NAD B . 0.55 -14.99 8.67
N6A NAD B . 1.38 -16.01 8.86
N1A NAD B . -0.75 -15.18 8.48
C2A NAD B . -1.58 -14.09 8.33
N3A NAD B . -1.15 -12.83 8.44
C4A NAD B . 0.17 -12.54 8.70
O3 NAD B . 4.77 -6.37 6.94
PN NAD B . 4.48 -4.84 7.57
O1N NAD B . 4.99 -3.87 6.47
O2N NAD B . 3.03 -4.64 8.24
O5D NAD B . 5.62 -4.85 8.73
#